data_4JMV
#
_entry.id   4JMV
#
_cell.length_a   106.560
_cell.length_b   73.840
_cell.length_c   51.230
_cell.angle_alpha   90.000
_cell.angle_beta   90.000
_cell.angle_gamma   90.000
#
_symmetry.space_group_name_H-M   'P 21 21 21'
#
loop_
_entity.id
_entity.type
_entity.pdbx_description
1 polymer 'Cytochrome c peroxidase'
2 non-polymer 'PROTOPORPHYRIN IX CONTAINING FE'
3 non-polymer imidazo[1,2-a]pyridin-6-amine
4 water water
#
_entity_poly.entity_id   1
_entity_poly.type   'polypeptide(L)'
_entity_poly.pdbx_seq_one_letter_code
;LVHVASVEKGRSYEDFQKVYNAIALKLREDDEYDNYIGYGPVLVRLAWHISGTWDKHDNTGGSYGGTYRFKKEFNDPSNA
GLQNGFKFLEPIHKEFPWISSGDLFSLGGVTAVQEMQGPKIPWRCGRVDTPEDTTPDNGRLPDADKDAGYVRTFFQRLNM
NDREVVALMGAHALGKTHLKNSGYEGGGANNVFTNEFYLNLLNEDWKLEKNDANNEQWDSKSGYMMLPTDYSLIQDPKYL
SIVKEYANDQDKFFKDFSKAFEKLLENGITFPKDAPSPFIFKTLEEQGL
;
_entity_poly.pdbx_strand_id   A
#
loop_
_chem_comp.id
_chem_comp.type
_chem_comp.name
_chem_comp.formula
1LY non-polymer imidazo[1,2-a]pyridin-6-amine 'C7 H7 N3'
HEM non-polymer 'PROTOPORPHYRIN IX CONTAINING FE' 'C34 H32 Fe N4 O4'
#
# COMPACT_ATOMS: atom_id res chain seq x y z
N LEU A 1 3.50 7.23 -24.19
CA LEU A 1 2.13 6.97 -23.56
C LEU A 1 1.89 7.96 -22.43
N VAL A 2 0.99 8.91 -22.62
CA VAL A 2 0.81 10.02 -21.69
C VAL A 2 -0.57 9.92 -21.04
N HIS A 3 -0.58 10.00 -19.71
CA HIS A 3 -1.81 10.01 -18.91
C HIS A 3 -1.97 11.33 -18.23
N VAL A 4 -2.83 12.21 -18.74
CA VAL A 4 -2.96 13.52 -18.15
C VAL A 4 -4.08 13.50 -17.11
N ALA A 5 -3.77 13.98 -15.92
CA ALA A 5 -4.79 14.04 -14.84
C ALA A 5 -5.92 14.98 -15.26
N SER A 6 -7.16 14.54 -15.06
CA SER A 6 -8.34 15.34 -15.43
C SER A 6 -9.29 15.33 -14.24
N VAL A 7 -9.45 16.48 -13.60
CA VAL A 7 -10.23 16.64 -12.38
C VAL A 7 -11.66 16.28 -12.69
N GLU A 8 -12.23 15.41 -11.86
CA GLU A 8 -13.65 15.01 -12.00
C GLU A 8 -14.48 16.28 -12.05
N LYS A 9 -15.37 16.36 -13.05
CA LYS A 9 -15.94 17.66 -13.39
C LYS A 9 -16.56 18.41 -12.25
N GLY A 10 -16.06 19.63 -12.04
CA GLY A 10 -16.57 20.51 -11.00
C GLY A 10 -16.19 20.19 -9.58
N ARG A 11 -15.41 19.14 -9.38
CA ARG A 11 -15.08 18.72 -8.02
C ARG A 11 -13.91 19.47 -7.43
N SER A 12 -13.95 19.58 -6.11
CA SER A 12 -12.93 20.28 -5.33
C SER A 12 -12.65 19.52 -4.03
N TYR A 13 -11.78 20.10 -3.22
CA TYR A 13 -11.34 19.47 -1.97
C TYR A 13 -12.46 18.92 -1.16
N GLU A 14 -13.50 19.71 -0.97
CA GLU A 14 -14.64 19.31 -0.14
C GLU A 14 -15.27 18.01 -0.62
N ASP A 15 -15.42 17.82 -1.93
CA ASP A 15 -15.91 16.56 -2.50
C ASP A 15 -15.07 15.35 -2.11
N PHE A 16 -13.76 15.51 -2.22
CA PHE A 16 -12.86 14.39 -1.89
C PHE A 16 -12.76 14.13 -0.39
N GLN A 17 -12.88 15.16 0.44
CA GLN A 17 -12.91 14.97 1.89
C GLN A 17 -14.16 14.22 2.24
N LYS A 18 -15.26 14.46 1.51
CA LYS A 18 -16.46 13.66 1.75
C LYS A 18 -16.24 12.18 1.45
N VAL A 19 -15.54 11.88 0.37
CA VAL A 19 -15.24 10.49 0.02
C VAL A 19 -14.33 9.87 1.08
N TYR A 20 -13.28 10.62 1.44
CA TYR A 20 -12.37 10.21 2.53
C TYR A 20 -13.20 9.84 3.77
N ASN A 21 -14.12 10.73 4.14
CA ASN A 21 -14.90 10.55 5.36
C ASN A 21 -15.73 9.29 5.28
N ALA A 22 -16.32 9.02 4.11
CA ALA A 22 -17.16 7.81 3.93
C ALA A 22 -16.33 6.58 4.10
N ILE A 23 -15.13 6.58 3.51
CA ILE A 23 -14.16 5.46 3.68
C ILE A 23 -13.79 5.28 5.14
N ALA A 24 -13.44 6.38 5.79
CA ALA A 24 -12.94 6.37 7.16
C ALA A 24 -14.05 5.92 8.13
N LEU A 25 -15.27 6.39 7.86
CA LEU A 25 -16.43 5.96 8.70
C LEU A 25 -16.73 4.45 8.55
N LYS A 26 -16.62 3.92 7.33
CA LYS A 26 -16.81 2.49 7.09
C LYS A 26 -15.67 1.66 7.68
N LEU A 27 -14.46 2.21 7.65
CA LEU A 27 -13.31 1.56 8.31
C LEU A 27 -13.59 1.39 9.80
N ARG A 28 -14.13 2.42 10.40
CA ARG A 28 -14.46 2.38 11.81
C ARG A 28 -15.60 1.36 12.07
N GLU A 29 -16.59 1.31 11.18
CA GLU A 29 -17.79 0.50 11.35
C GLU A 29 -17.46 -0.99 11.17
N ASP A 30 -16.70 -1.33 10.14
CA ASP A 30 -16.43 -2.71 9.77
C ASP A 30 -15.20 -3.26 10.53
N ASP A 31 -15.29 -3.24 11.85
CA ASP A 31 -14.15 -3.49 12.74
C ASP A 31 -13.78 -4.95 12.91
N GLU A 32 -14.66 -5.87 12.51
CA GLU A 32 -14.47 -7.31 12.76
C GLU A 32 -13.59 -8.00 11.71
N TYR A 33 -13.48 -7.43 10.52
CA TYR A 33 -12.78 -8.06 9.41
C TYR A 33 -11.39 -8.58 9.81
N ASP A 34 -11.07 -9.80 9.36
CA ASP A 34 -9.74 -10.41 9.53
C ASP A 34 -9.30 -10.44 11.00
N ASN A 35 -10.11 -11.09 11.85
CA ASN A 35 -9.79 -11.18 13.28
CA ASN A 35 -9.84 -11.17 13.28
C ASN A 35 -9.60 -9.81 13.92
N TYR A 36 -10.47 -8.87 13.61
CA TYR A 36 -10.49 -7.53 14.19
C TYR A 36 -9.29 -6.67 13.80
N ILE A 37 -8.63 -7.03 12.72
CA ILE A 37 -7.66 -6.09 12.14
C ILE A 37 -8.41 -4.92 11.48
N GLY A 38 -9.57 -5.17 10.88
CA GLY A 38 -10.27 -4.18 10.09
C GLY A 38 -9.65 -4.09 8.69
N TYR A 39 -10.26 -3.25 7.85
CA TYR A 39 -9.92 -3.18 6.44
C TYR A 39 -8.75 -2.23 6.11
N GLY A 40 -8.20 -1.57 7.12
CA GLY A 40 -7.13 -0.62 6.84
C GLY A 40 -5.97 -1.19 6.06
N PRO A 41 -5.37 -2.29 6.57
CA PRO A 41 -4.21 -2.84 5.87
C PRO A 41 -4.49 -3.32 4.44
N VAL A 42 -5.62 -4.00 4.21
CA VAL A 42 -5.90 -4.48 2.87
C VAL A 42 -6.13 -3.31 1.89
N LEU A 43 -6.64 -2.21 2.37
CA LEU A 43 -6.83 -1.05 1.52
C LEU A 43 -5.46 -0.43 1.12
N VAL A 44 -4.54 -0.39 2.07
CA VAL A 44 -3.16 0.04 1.79
C VAL A 44 -2.53 -0.90 0.75
N ARG A 45 -2.66 -2.23 0.91
CA ARG A 45 -2.11 -3.15 -0.04
CA ARG A 45 -2.12 -3.17 -0.03
C ARG A 45 -2.78 -2.98 -1.40
N LEU A 46 -4.12 -2.79 -1.41
CA LEU A 46 -4.79 -2.49 -2.68
C LEU A 46 -4.19 -1.28 -3.42
N ALA A 47 -3.99 -0.19 -2.71
CA ALA A 47 -3.48 1.03 -3.35
C ALA A 47 -2.08 0.81 -3.90
N TRP A 48 -1.31 0.01 -3.19
CA TRP A 48 0.02 -0.37 -3.65
C TRP A 48 -0.01 -1.27 -4.86
N HIS A 49 -0.84 -2.30 -4.85
CA HIS A 49 -0.94 -3.24 -5.98
C HIS A 49 -1.53 -2.64 -7.24
N ILE A 50 -2.42 -1.66 -7.11
CA ILE A 50 -2.91 -1.01 -8.34
C ILE A 50 -1.87 -0.03 -8.93
N SER A 51 -0.94 0.44 -8.11
CA SER A 51 0.11 1.35 -8.56
C SER A 51 1.34 0.63 -9.01
N GLY A 52 1.62 -0.50 -8.36
CA GLY A 52 2.87 -1.22 -8.52
C GLY A 52 3.04 -2.06 -9.78
N THR A 53 2.00 -2.08 -10.63
CA THR A 53 2.06 -2.57 -11.98
C THR A 53 2.76 -1.61 -12.94
N TRP A 54 3.09 -0.40 -12.50
CA TRP A 54 3.66 0.58 -13.39
C TRP A 54 4.98 0.13 -13.97
N ASP A 55 5.23 0.52 -15.23
CA ASP A 55 6.58 0.36 -15.83
C ASP A 55 7.07 1.72 -16.35
N LYS A 56 8.16 2.25 -15.74
CA LYS A 56 8.65 3.52 -16.12
C LYS A 56 9.09 3.55 -17.59
N HIS A 57 9.35 2.38 -18.18
CA HIS A 57 9.94 2.35 -19.54
C HIS A 57 8.95 2.75 -20.59
N ASP A 58 7.71 2.34 -20.45
CA ASP A 58 6.68 2.61 -21.47
C ASP A 58 5.41 3.22 -20.86
N ASN A 59 5.43 3.50 -19.57
CA ASN A 59 4.26 4.02 -18.83
C ASN A 59 3.02 3.17 -18.94
N THR A 60 3.19 1.86 -18.99
CA THR A 60 2.07 0.97 -18.88
C THR A 60 1.81 0.72 -17.39
N GLY A 61 0.64 0.20 -17.08
CA GLY A 61 0.27 -0.08 -15.72
C GLY A 61 0.09 1.21 -14.93
N GLY A 62 0.22 1.12 -13.62
CA GLY A 62 0.07 2.29 -12.80
C GLY A 62 -1.36 2.54 -12.36
N SER A 63 -1.51 3.46 -11.42
CA SER A 63 -2.82 3.74 -10.82
C SER A 63 -3.85 4.45 -11.73
N TYR A 64 -3.37 5.17 -12.72
CA TYR A 64 -4.21 6.08 -13.49
C TYR A 64 -5.49 5.44 -14.03
N GLY A 65 -5.32 4.28 -14.67
CA GLY A 65 -6.40 3.71 -15.46
C GLY A 65 -7.50 2.99 -14.70
N GLY A 66 -7.30 2.73 -13.40
CA GLY A 66 -8.26 1.97 -12.60
C GLY A 66 -8.50 0.54 -13.08
N THR A 67 -7.46 -0.06 -13.65
CA THR A 67 -7.63 -1.31 -14.39
C THR A 67 -7.78 -2.54 -13.52
N TYR A 68 -7.58 -2.39 -12.21
CA TYR A 68 -7.84 -3.48 -11.27
C TYR A 68 -9.31 -3.95 -11.33
N ARG A 69 -10.21 -3.08 -11.76
CA ARG A 69 -11.63 -3.44 -11.91
C ARG A 69 -11.89 -4.51 -12.98
N PHE A 70 -10.93 -4.73 -13.87
CA PHE A 70 -11.04 -5.74 -14.92
C PHE A 70 -10.50 -7.10 -14.50
N LYS A 71 -11.17 -8.16 -14.96
CA LYS A 71 -10.87 -9.53 -14.49
C LYS A 71 -9.41 -9.96 -14.61
N LYS A 72 -8.70 -9.59 -15.67
CA LYS A 72 -7.31 -10.04 -15.80
C LYS A 72 -6.50 -9.61 -14.55
N GLU A 73 -6.64 -8.35 -14.19
CA GLU A 73 -5.90 -7.79 -13.05
C GLU A 73 -6.50 -8.18 -11.70
N PHE A 74 -7.83 -8.14 -11.61
N PHE A 74 -7.83 -8.18 -11.53
CA PHE A 74 -8.57 -8.58 -10.42
CA PHE A 74 -8.32 -8.59 -10.20
C PHE A 74 -8.14 -10.00 -10.02
C PHE A 74 -8.13 -10.08 -9.96
N ASN A 75 -7.95 -10.86 -11.02
CA ASN A 75 -7.62 -12.27 -10.84
C ASN A 75 -6.12 -12.60 -10.82
N ASP A 76 -5.27 -11.59 -10.88
CA ASP A 76 -3.83 -11.83 -10.75
C ASP A 76 -3.61 -12.59 -9.45
N PRO A 77 -2.90 -13.72 -9.52
CA PRO A 77 -2.56 -14.42 -8.29
C PRO A 77 -1.85 -13.52 -7.24
N SER A 78 -1.08 -12.54 -7.70
CA SER A 78 -0.39 -11.60 -6.78
C SER A 78 -1.37 -10.74 -6.02
N ASN A 79 -2.61 -10.66 -6.52
CA ASN A 79 -3.68 -9.84 -5.92
C ASN A 79 -4.67 -10.63 -5.04
N ALA A 80 -4.36 -11.89 -4.80
CA ALA A 80 -5.28 -12.73 -4.01
C ALA A 80 -5.52 -12.10 -2.64
N GLY A 81 -6.78 -11.89 -2.30
CA GLY A 81 -7.11 -11.28 -1.01
C GLY A 81 -7.60 -9.85 -1.19
N LEU A 82 -7.15 -9.18 -2.24
CA LEU A 82 -7.51 -7.78 -2.45
C LEU A 82 -8.98 -7.58 -2.85
N GLN A 83 -9.64 -8.67 -3.26
CA GLN A 83 -11.07 -8.60 -3.52
C GLN A 83 -11.86 -8.07 -2.34
N ASN A 84 -11.37 -8.35 -1.13
CA ASN A 84 -11.95 -7.86 0.11
C ASN A 84 -11.91 -6.32 0.19
N GLY A 85 -10.81 -5.74 -0.26
CA GLY A 85 -10.66 -4.28 -0.36
C GLY A 85 -11.60 -3.70 -1.39
N PHE A 86 -11.69 -4.35 -2.54
CA PHE A 86 -12.55 -3.92 -3.61
C PHE A 86 -14.01 -3.96 -3.15
N LYS A 87 -14.39 -5.03 -2.46
CA LYS A 87 -15.76 -5.14 -1.92
C LYS A 87 -16.11 -4.07 -0.93
N PHE A 88 -15.17 -3.76 -0.06
CA PHE A 88 -15.31 -2.69 0.89
C PHE A 88 -15.59 -1.37 0.19
N LEU A 89 -14.89 -1.10 -0.90
CA LEU A 89 -14.98 0.18 -1.58
C LEU A 89 -16.21 0.32 -2.50
N GLU A 90 -16.83 -0.80 -2.85
CA GLU A 90 -18.00 -0.80 -3.75
C GLU A 90 -19.12 0.11 -3.28
N PRO A 91 -19.55 0.01 -2.02
CA PRO A 91 -20.61 0.94 -1.62
C PRO A 91 -20.20 2.39 -1.58
N ILE A 92 -18.91 2.65 -1.34
CA ILE A 92 -18.39 4.02 -1.43
C ILE A 92 -18.52 4.52 -2.86
N HIS A 93 -18.17 3.67 -3.81
CA HIS A 93 -18.23 4.02 -5.23
C HIS A 93 -19.66 4.25 -5.68
N LYS A 94 -20.58 3.47 -5.14
CA LYS A 94 -22.02 3.74 -5.37
C LYS A 94 -22.50 5.07 -4.81
N GLU A 95 -22.02 5.47 -3.64
CA GLU A 95 -22.39 6.71 -3.06
C GLU A 95 -21.81 7.88 -3.85
N PHE A 96 -20.61 7.70 -4.41
CA PHE A 96 -19.87 8.76 -5.10
C PHE A 96 -19.47 8.25 -6.47
N PRO A 97 -20.47 8.07 -7.35
CA PRO A 97 -20.14 7.39 -8.59
C PRO A 97 -19.30 8.22 -9.55
N TRP A 98 -19.18 9.50 -9.28
CA TRP A 98 -18.36 10.42 -10.08
C TRP A 98 -16.85 10.21 -9.90
N ILE A 99 -16.45 9.56 -8.81
CA ILE A 99 -14.99 9.38 -8.58
C ILE A 99 -14.47 8.31 -9.52
N SER A 100 -13.29 8.51 -10.09
CA SER A 100 -12.72 7.50 -10.96
C SER A 100 -12.24 6.33 -10.12
N SER A 101 -12.05 5.17 -10.76
CA SER A 101 -11.65 3.97 -10.05
C SER A 101 -10.24 4.12 -9.44
N GLY A 102 -9.30 4.61 -10.23
CA GLY A 102 -7.95 4.87 -9.75
C GLY A 102 -7.92 5.85 -8.61
N ASP A 103 -8.74 6.90 -8.69
CA ASP A 103 -8.81 7.83 -7.61
C ASP A 103 -9.34 7.19 -6.33
N LEU A 104 -10.36 6.37 -6.47
CA LEU A 104 -10.94 5.70 -5.30
C LEU A 104 -9.97 4.71 -4.72
N PHE A 105 -9.31 3.87 -5.53
CA PHE A 105 -8.40 2.85 -4.97
C PHE A 105 -7.22 3.53 -4.25
N SER A 106 -6.65 4.55 -4.87
CA SER A 106 -5.53 5.29 -4.27
C SER A 106 -5.96 6.07 -3.03
N LEU A 107 -7.11 6.73 -3.08
CA LEU A 107 -7.65 7.44 -1.91
C LEU A 107 -7.98 6.50 -0.76
N GLY A 108 -8.38 5.28 -1.07
CA GLY A 108 -8.64 4.30 -0.03
C GLY A 108 -7.36 4.01 0.75
N GLY A 109 -6.24 3.91 0.05
CA GLY A 109 -4.97 3.72 0.70
C GLY A 109 -4.50 4.87 1.57
N VAL A 110 -4.64 6.07 1.05
CA VAL A 110 -4.37 7.31 1.81
C VAL A 110 -5.21 7.38 3.08
N THR A 111 -6.51 7.14 2.91
CA THR A 111 -7.44 7.17 4.03
C THR A 111 -7.06 6.17 5.11
N ALA A 112 -6.79 4.93 4.73
CA ALA A 112 -6.38 3.90 5.64
C ALA A 112 -5.11 4.27 6.42
N VAL A 113 -4.06 4.69 5.71
CA VAL A 113 -2.84 5.12 6.42
C VAL A 113 -3.16 6.18 7.48
N GLN A 114 -3.88 7.25 7.10
CA GLN A 114 -4.14 8.34 8.01
C GLN A 114 -5.01 7.90 9.18
N GLU A 115 -6.06 7.16 8.89
CA GLU A 115 -7.01 6.70 9.96
C GLU A 115 -6.33 5.72 10.88
N MET A 116 -5.33 5.01 10.38
CA MET A 116 -4.50 4.18 11.25
C MET A 116 -3.38 4.94 11.97
N GLN A 117 -3.49 6.26 12.06
CA GLN A 117 -2.55 7.12 12.81
C GLN A 117 -1.18 7.28 12.11
N GLY A 118 -1.14 7.04 10.82
CA GLY A 118 0.08 7.24 10.04
C GLY A 118 0.26 8.67 9.66
N PRO A 119 1.26 8.93 8.79
CA PRO A 119 1.51 10.26 8.32
C PRO A 119 0.39 10.77 7.42
N LYS A 120 0.25 12.09 7.32
CA LYS A 120 -0.56 12.67 6.26
C LYS A 120 0.13 12.33 4.94
N ILE A 121 -0.68 11.93 3.98
CA ILE A 121 -0.23 11.66 2.62
C ILE A 121 -0.98 12.61 1.68
N PRO A 122 -0.27 13.57 1.07
CA PRO A 122 -0.96 14.47 0.13
C PRO A 122 -1.41 13.61 -1.03
N TRP A 123 -2.57 13.96 -1.58
CA TRP A 123 -3.21 13.14 -2.58
C TRP A 123 -3.81 14.05 -3.63
N ARG A 124 -3.60 13.67 -4.88
CA ARG A 124 -4.10 14.42 -6.04
C ARG A 124 -5.15 13.58 -6.77
N CYS A 125 -6.17 14.29 -7.23
CA CYS A 125 -7.19 13.68 -8.03
C CYS A 125 -6.87 13.75 -9.51
N GLY A 126 -7.71 13.11 -10.30
CA GLY A 126 -7.70 13.24 -11.75
C GLY A 126 -7.28 12.02 -12.53
N ARG A 127 -7.17 10.87 -11.85
CA ARG A 127 -6.98 9.64 -12.56
C ARG A 127 -8.27 9.40 -13.37
N VAL A 128 -8.13 8.80 -14.54
CA VAL A 128 -9.25 8.60 -15.49
C VAL A 128 -9.31 7.16 -15.90
N ASP A 129 -10.48 6.55 -15.77
CA ASP A 129 -10.65 5.14 -16.09
C ASP A 129 -10.26 4.91 -17.56
N THR A 130 -9.51 3.83 -17.83
CA THR A 130 -9.11 3.53 -19.20
C THR A 130 -9.67 2.15 -19.57
N PRO A 131 -9.73 1.83 -20.87
CA PRO A 131 -10.40 0.58 -21.27
C PRO A 131 -9.72 -0.71 -20.86
N GLU A 132 -10.48 -1.80 -20.95
CA GLU A 132 -10.01 -3.13 -20.56
C GLU A 132 -8.71 -3.54 -21.23
N ASP A 133 -8.52 -3.11 -22.47
CA ASP A 133 -7.30 -3.49 -23.20
C ASP A 133 -6.04 -2.80 -22.68
N THR A 134 -6.19 -1.82 -21.78
CA THR A 134 -5.04 -1.16 -21.12
C THR A 134 -4.61 -1.84 -19.83
N THR A 135 -5.35 -2.87 -19.42
CA THR A 135 -5.02 -3.65 -18.24
C THR A 135 -3.66 -4.34 -18.40
N PRO A 136 -2.73 -4.08 -17.46
CA PRO A 136 -1.43 -4.78 -17.63
C PRO A 136 -1.56 -6.25 -17.34
N ASP A 137 -0.74 -7.07 -18.01
CA ASP A 137 -0.65 -8.49 -17.72
C ASP A 137 -0.21 -8.74 -16.29
N ASN A 138 -0.58 -9.90 -15.79
CA ASN A 138 -0.09 -10.43 -14.52
C ASN A 138 1.43 -10.61 -14.55
N GLY A 139 2.03 -10.59 -13.36
CA GLY A 139 3.44 -10.86 -13.17
C GLY A 139 4.33 -9.65 -12.97
N ARG A 140 3.73 -8.45 -12.81
CA ARG A 140 4.49 -7.22 -12.60
C ARG A 140 4.69 -6.87 -11.14
N LEU A 141 4.01 -7.55 -10.25
CA LEU A 141 4.17 -7.32 -8.81
C LEU A 141 5.26 -8.25 -8.23
N PRO A 142 5.86 -7.90 -7.09
CA PRO A 142 7.10 -8.61 -6.70
C PRO A 142 6.90 -9.96 -6.02
N ASP A 143 7.87 -10.85 -6.20
CA ASP A 143 7.96 -12.10 -5.46
C ASP A 143 8.54 -11.85 -4.07
N ALA A 144 8.14 -12.67 -3.10
CA ALA A 144 8.55 -12.54 -1.71
C ALA A 144 9.71 -13.44 -1.33
N ASP A 145 10.00 -14.43 -2.16
CA ASP A 145 11.00 -15.44 -1.83
C ASP A 145 12.40 -15.08 -2.29
N LYS A 146 12.70 -13.79 -2.41
CA LYS A 146 13.87 -13.35 -3.12
C LYS A 146 14.76 -12.54 -2.19
N ASP A 147 15.92 -12.10 -2.69
CA ASP A 147 16.94 -11.42 -1.86
C ASP A 147 16.98 -9.93 -2.12
N ALA A 148 17.91 -9.22 -1.48
CA ALA A 148 18.00 -7.75 -1.58
C ALA A 148 18.26 -7.29 -3.02
N GLY A 149 19.06 -8.06 -3.77
CA GLY A 149 19.37 -7.66 -5.13
C GLY A 149 18.14 -7.67 -6.00
N TYR A 150 17.28 -8.66 -5.77
CA TYR A 150 16.02 -8.76 -6.47
C TYR A 150 15.13 -7.55 -6.16
N VAL A 151 14.97 -7.27 -4.87
CA VAL A 151 14.18 -6.10 -4.40
C VAL A 151 14.66 -4.81 -5.05
N ARG A 152 15.97 -4.59 -5.00
CA ARG A 152 16.56 -3.38 -5.56
C ARG A 152 16.25 -3.25 -7.06
N THR A 153 16.50 -4.31 -7.81
CA THR A 153 16.24 -4.27 -9.26
C THR A 153 14.78 -4.12 -9.58
N PHE A 154 13.95 -4.87 -8.84
CA PHE A 154 12.51 -4.81 -9.03
C PHE A 154 12.03 -3.38 -8.95
N PHE A 155 12.42 -2.68 -7.88
CA PHE A 155 11.94 -1.33 -7.61
C PHE A 155 12.51 -0.26 -8.53
N GLN A 156 13.61 -0.54 -9.22
CA GLN A 156 14.06 0.38 -10.27
C GLN A 156 13.00 0.58 -11.37
N ARG A 157 12.17 -0.44 -11.62
CA ARG A 157 11.14 -0.36 -12.65
C ARG A 157 10.06 0.67 -12.27
N LEU A 158 9.87 0.88 -10.96
CA LEU A 158 8.94 1.83 -10.40
C LEU A 158 9.66 3.15 -10.04
N ASN A 159 10.91 3.29 -10.45
CA ASN A 159 11.70 4.49 -10.24
C ASN A 159 11.85 4.82 -8.75
N MET A 160 12.04 3.77 -7.96
CA MET A 160 12.28 3.89 -6.52
C MET A 160 13.72 3.53 -6.19
N ASN A 161 14.32 4.35 -5.35
CA ASN A 161 15.69 4.15 -4.90
C ASN A 161 15.72 3.43 -3.56
N ASP A 162 16.92 3.22 -3.00
CA ASP A 162 17.01 2.47 -1.76
C ASP A 162 16.17 3.05 -0.61
N ARG A 163 16.24 4.36 -0.37
N ARG A 163 16.25 4.35 -0.40
CA ARG A 163 15.51 4.97 0.72
CA ARG A 163 15.54 4.98 0.70
C ARG A 163 14.00 4.83 0.53
C ARG A 163 14.02 4.87 0.53
N GLU A 164 13.56 5.04 -0.72
CA GLU A 164 12.12 4.87 -1.04
C GLU A 164 11.61 3.46 -0.81
N VAL A 165 12.42 2.49 -1.20
CA VAL A 165 12.11 1.06 -1.00
C VAL A 165 11.98 0.71 0.48
N VAL A 166 12.98 1.07 1.23
CA VAL A 166 12.98 0.80 2.68
C VAL A 166 11.80 1.47 3.38
N ALA A 167 11.54 2.72 3.04
CA ALA A 167 10.38 3.46 3.61
C ALA A 167 9.09 2.76 3.26
N LEU A 168 8.91 2.46 1.99
CA LEU A 168 7.65 1.83 1.54
C LEU A 168 7.42 0.51 2.24
N MET A 169 8.48 -0.28 2.43
CA MET A 169 8.36 -1.60 3.07
C MET A 169 7.91 -1.54 4.53
N GLY A 170 8.01 -0.35 5.14
CA GLY A 170 7.51 -0.15 6.50
C GLY A 170 6.01 -0.30 6.65
N ALA A 171 5.31 -0.26 5.53
CA ALA A 171 3.90 -0.65 5.51
C ALA A 171 3.68 -2.09 6.00
N HIS A 172 4.72 -2.92 6.00
CA HIS A 172 4.60 -4.26 6.52
C HIS A 172 4.51 -4.32 8.04
N ALA A 173 4.45 -3.17 8.71
CA ALA A 173 3.95 -3.07 10.10
C ALA A 173 2.48 -3.44 10.20
N LEU A 174 1.78 -3.34 9.07
CA LEU A 174 0.32 -3.42 9.02
C LEU A 174 -0.17 -4.80 8.64
N GLY A 175 -1.25 -5.24 9.27
CA GLY A 175 -1.95 -6.44 8.76
C GLY A 175 -1.11 -7.69 8.96
N LYS A 176 -1.29 -8.66 8.08
CA LYS A 176 -0.58 -9.94 8.14
C LYS A 176 -0.62 -10.63 6.80
N THR A 177 0.19 -11.67 6.67
CA THR A 177 0.11 -12.56 5.58
C THR A 177 -0.97 -13.61 5.90
N HIS A 178 -1.52 -14.21 4.88
CA HIS A 178 -2.55 -15.25 4.95
C HIS A 178 -2.10 -16.41 4.10
N LEU A 179 -1.97 -17.61 4.66
N LEU A 179 -1.95 -17.60 4.67
CA LEU A 179 -1.40 -18.72 3.86
CA LEU A 179 -1.45 -18.76 3.89
C LEU A 179 -2.18 -18.95 2.55
C LEU A 179 -2.17 -18.93 2.56
N LYS A 180 -3.50 -18.84 2.59
CA LYS A 180 -4.34 -19.11 1.41
C LYS A 180 -4.14 -18.07 0.32
N ASN A 181 -3.76 -16.84 0.70
CA ASN A 181 -3.51 -15.80 -0.31
C ASN A 181 -2.16 -15.85 -0.98
N SER A 182 -1.10 -16.04 -0.19
CA SER A 182 0.26 -15.80 -0.63
C SER A 182 1.24 -16.93 -0.33
N GLY A 183 0.84 -17.90 0.50
CA GLY A 183 1.75 -18.99 0.87
C GLY A 183 2.67 -18.60 2.00
N TYR A 184 2.33 -17.51 2.70
CA TYR A 184 3.01 -17.09 3.91
C TYR A 184 2.09 -17.03 5.08
N GLU A 185 2.63 -17.42 6.22
CA GLU A 185 1.87 -17.68 7.44
C GLU A 185 2.07 -16.50 8.37
N GLY A 186 0.97 -15.83 8.67
CA GLY A 186 1.04 -14.52 9.23
C GLY A 186 1.37 -14.49 10.67
N GLY A 187 1.94 -13.36 11.09
N GLY A 187 1.90 -13.36 11.13
CA GLY A 187 2.24 -13.09 12.49
CA GLY A 187 2.12 -13.11 12.56
C GLY A 187 1.67 -11.74 12.89
C GLY A 187 1.49 -11.77 12.95
N GLY A 188 1.08 -11.67 14.08
N GLY A 188 2.35 -10.78 13.19
CA GLY A 188 0.47 -10.44 14.57
CA GLY A 188 1.93 -9.39 13.34
C GLY A 188 -0.86 -10.04 13.94
C GLY A 188 0.53 -9.25 13.87
N ALA A 189 -1.26 -8.79 14.20
N ALA A 189 -0.35 -8.65 13.09
CA ALA A 189 -2.58 -8.30 13.78
CA ALA A 189 -1.72 -8.46 13.52
C ALA A 189 -2.62 -6.78 13.85
C ALA A 189 -1.78 -7.10 14.20
N ASN A 190 -1.57 -6.08 13.41
CA ASN A 190 -1.46 -4.71 13.82
CA ASN A 190 -1.66 -4.73 13.87
C ASN A 190 -2.28 -3.80 12.87
N ASN A 191 -2.99 -2.80 13.39
CA ASN A 191 -3.70 -1.87 12.53
C ASN A 191 -3.45 -0.42 12.93
N VAL A 192 -2.31 -0.20 13.56
CA VAL A 192 -1.82 1.14 13.86
C VAL A 192 -0.49 1.33 13.13
N PHE A 193 -0.41 2.42 12.37
CA PHE A 193 0.76 2.68 11.54
C PHE A 193 1.90 3.28 12.41
N THR A 194 2.99 2.54 12.53
CA THR A 194 4.16 2.95 13.26
C THR A 194 5.41 2.52 12.50
N ASN A 195 6.58 2.83 13.07
CA ASN A 195 7.85 2.31 12.57
C ASN A 195 8.21 0.94 13.15
N GLU A 196 7.23 0.20 13.64
CA GLU A 196 7.50 -1.09 14.29
C GLU A 196 8.16 -2.13 13.38
N PHE A 197 7.98 -2.04 12.06
CA PHE A 197 8.61 -2.98 11.14
C PHE A 197 10.12 -2.98 11.32
N TYR A 198 10.69 -1.79 11.45
CA TYR A 198 12.14 -1.67 11.55
C TYR A 198 12.67 -2.09 12.89
N LEU A 199 11.93 -1.73 13.92
CA LEU A 199 12.29 -2.14 15.27
C LEU A 199 12.25 -3.66 15.36
N ASN A 200 11.22 -4.27 14.81
CA ASN A 200 11.12 -5.74 14.81
C ASN A 200 12.29 -6.38 14.07
N LEU A 201 12.62 -5.88 12.88
CA LEU A 201 13.74 -6.40 12.12
C LEU A 201 15.03 -6.40 12.95
N LEU A 202 15.28 -5.31 13.64
CA LEU A 202 16.51 -5.17 14.37
C LEU A 202 16.57 -5.87 15.72
N ASN A 203 15.42 -5.96 16.39
CA ASN A 203 15.38 -6.34 17.81
C ASN A 203 14.98 -7.79 18.06
N GLU A 204 14.30 -8.41 17.12
CA GLU A 204 13.82 -9.79 17.31
C GLU A 204 14.88 -10.83 17.01
N ASP A 205 14.72 -11.99 17.60
CA ASP A 205 15.61 -13.14 17.35
C ASP A 205 15.00 -13.96 16.22
N TRP A 206 15.45 -13.72 15.00
CA TRP A 206 14.77 -14.31 13.84
C TRP A 206 15.27 -15.71 13.54
N LYS A 207 14.36 -16.61 13.21
CA LYS A 207 14.70 -17.99 12.82
C LYS A 207 14.13 -18.28 11.45
N LEU A 208 14.93 -18.86 10.57
CA LEU A 208 14.50 -19.16 9.21
C LEU A 208 13.76 -20.50 9.25
N GLU A 209 12.45 -20.48 9.02
CA GLU A 209 11.63 -21.67 9.18
C GLU A 209 10.87 -21.94 7.91
N LYS A 210 10.33 -23.16 7.79
CA LYS A 210 9.43 -23.48 6.71
C LYS A 210 8.01 -23.46 7.24
N ASN A 211 7.10 -22.85 6.48
CA ASN A 211 5.68 -22.82 6.87
C ASN A 211 4.92 -23.99 6.24
N ASP A 212 3.61 -24.05 6.48
CA ASP A 212 2.82 -25.20 6.00
C ASP A 212 2.63 -25.27 4.51
N ALA A 213 2.99 -24.21 3.80
CA ALA A 213 2.97 -24.20 2.38
C ALA A 213 4.33 -24.57 1.80
N ASN A 214 5.24 -24.98 2.66
CA ASN A 214 6.61 -25.36 2.31
C ASN A 214 7.48 -24.17 1.85
N ASN A 215 7.12 -22.95 2.25
CA ASN A 215 7.91 -21.77 1.93
C ASN A 215 8.67 -21.30 3.12
N GLU A 216 9.84 -20.71 2.87
CA GLU A 216 10.65 -20.24 3.96
C GLU A 216 10.20 -18.83 4.36
N GLN A 217 10.16 -18.63 5.66
CA GLN A 217 9.97 -17.28 6.21
C GLN A 217 10.74 -17.16 7.51
N TRP A 218 10.96 -15.92 7.96
CA TRP A 218 11.66 -15.65 9.18
C TRP A 218 10.67 -15.42 10.29
N ASP A 219 10.80 -16.18 11.36
CA ASP A 219 9.87 -16.12 12.47
C ASP A 219 10.60 -15.86 13.77
N SER A 220 9.95 -15.19 14.71
CA SER A 220 10.57 -14.92 16.03
C SER A 220 9.79 -15.63 17.13
N LYS A 221 10.43 -15.88 18.28
CA LYS A 221 9.76 -16.50 19.44
C LYS A 221 8.53 -15.73 19.89
N SER A 222 8.58 -14.40 19.76
N SER A 222 8.56 -14.40 19.78
CA SER A 222 7.47 -13.52 20.13
CA SER A 222 7.43 -13.57 20.17
C SER A 222 6.29 -13.59 19.17
C SER A 222 6.24 -13.69 19.23
N GLY A 223 6.42 -14.36 18.09
CA GLY A 223 5.32 -14.59 17.14
C GLY A 223 5.27 -13.68 15.92
N TYR A 224 6.34 -12.93 15.67
CA TYR A 224 6.41 -12.04 14.51
C TYR A 224 6.94 -12.82 13.34
N MET A 225 6.75 -12.27 12.14
CA MET A 225 7.31 -12.91 10.95
C MET A 225 7.78 -11.86 9.99
N MET A 226 8.70 -12.26 9.13
CA MET A 226 9.17 -11.48 8.02
C MET A 226 9.28 -12.34 6.77
N LEU A 227 8.91 -11.78 5.63
CA LEU A 227 9.22 -12.40 4.37
C LEU A 227 10.72 -12.39 4.10
N PRO A 228 11.19 -13.32 3.25
CA PRO A 228 12.60 -13.22 2.85
C PRO A 228 12.97 -11.85 2.31
N THR A 229 12.08 -11.24 1.53
CA THR A 229 12.35 -9.89 0.98
C THR A 229 12.36 -8.82 2.09
N ASP A 230 11.60 -9.01 3.15
CA ASP A 230 11.65 -8.12 4.32
C ASP A 230 13.02 -8.25 5.01
N TYR A 231 13.38 -9.50 5.29
CA TYR A 231 14.63 -9.77 6.00
C TYR A 231 15.84 -9.32 5.17
N SER A 232 15.67 -9.25 3.84
CA SER A 232 16.75 -8.84 2.98
C SER A 232 17.19 -7.40 3.31
N LEU A 233 16.30 -6.63 3.93
CA LEU A 233 16.61 -5.23 4.26
C LEU A 233 17.64 -5.11 5.38
N ILE A 234 17.85 -6.17 6.15
CA ILE A 234 18.95 -6.16 7.15
C ILE A 234 20.14 -7.02 6.72
N GLN A 235 20.00 -7.77 5.65
CA GLN A 235 21.13 -8.54 5.04
C GLN A 235 22.00 -7.66 4.15
N ASP A 236 21.40 -6.69 3.49
CA ASP A 236 22.12 -5.83 2.57
C ASP A 236 22.58 -4.63 3.37
N PRO A 237 23.89 -4.26 3.29
CA PRO A 237 24.38 -3.20 4.15
C PRO A 237 23.83 -1.81 3.89
N LYS A 238 23.43 -1.51 2.65
CA LYS A 238 22.86 -0.22 2.31
C LYS A 238 21.42 -0.09 2.86
N TYR A 239 20.64 -1.14 2.70
CA TYR A 239 19.32 -1.17 3.27
C TYR A 239 19.39 -1.12 4.79
N LEU A 240 20.35 -1.84 5.37
CA LEU A 240 20.48 -1.90 6.82
C LEU A 240 20.62 -0.54 7.45
N SER A 241 21.44 0.33 6.87
CA SER A 241 21.66 1.69 7.38
C SER A 241 20.35 2.46 7.49
N ILE A 242 19.53 2.30 6.47
CA ILE A 242 18.22 2.98 6.37
C ILE A 242 17.22 2.39 7.34
N VAL A 243 17.22 1.07 7.50
CA VAL A 243 16.39 0.41 8.53
C VAL A 243 16.70 0.97 9.90
N LYS A 244 17.99 1.08 10.21
CA LYS A 244 18.41 1.64 11.52
C LYS A 244 17.96 3.08 11.67
N GLU A 245 18.06 3.84 10.59
N GLU A 245 18.07 3.86 10.60
CA GLU A 245 17.60 5.21 10.64
CA GLU A 245 17.58 5.24 10.65
C GLU A 245 16.12 5.35 10.98
C GLU A 245 16.11 5.27 11.07
N TYR A 246 15.27 4.54 10.35
CA TYR A 246 13.82 4.60 10.60
C TYR A 246 13.45 4.00 11.94
N ALA A 247 14.22 3.00 12.40
CA ALA A 247 14.01 2.43 13.72
C ALA A 247 14.26 3.42 14.84
N ASN A 248 15.06 4.44 14.56
CA ASN A 248 15.47 5.41 15.51
C ASN A 248 14.87 6.81 15.33
N ASP A 249 13.98 6.95 14.36
CA ASP A 249 13.39 8.22 14.09
C ASP A 249 12.01 8.04 13.44
N GLN A 250 10.99 7.96 14.28
CA GLN A 250 9.59 7.75 13.82
C GLN A 250 9.15 8.85 12.85
N ASP A 251 9.49 10.09 13.15
CA ASP A 251 9.07 11.24 12.33
C ASP A 251 9.70 11.19 10.95
N LYS A 252 10.99 10.87 10.90
CA LYS A 252 11.69 10.75 9.61
C LYS A 252 11.07 9.62 8.74
N PHE A 253 10.81 8.48 9.37
CA PHE A 253 10.07 7.41 8.67
C PHE A 253 8.75 7.93 8.11
N PHE A 254 7.95 8.58 8.93
CA PHE A 254 6.67 9.09 8.51
C PHE A 254 6.80 10.03 7.32
N LYS A 255 7.73 10.96 7.39
CA LYS A 255 7.92 11.91 6.30
C LYS A 255 8.34 11.23 5.02
N ASP A 256 9.26 10.29 5.14
CA ASP A 256 9.79 9.60 3.97
C ASP A 256 8.75 8.65 3.35
N PHE A 257 8.01 7.95 4.20
CA PHE A 257 6.93 7.11 3.75
C PHE A 257 5.89 7.93 3.00
N SER A 258 5.54 9.08 3.55
CA SER A 258 4.51 9.93 2.94
C SER A 258 4.92 10.34 1.52
N LYS A 259 6.17 10.76 1.37
CA LYS A 259 6.68 11.13 0.04
C LYS A 259 6.70 9.95 -0.93
N ALA A 260 7.20 8.81 -0.47
CA ALA A 260 7.38 7.65 -1.33
C ALA A 260 6.03 7.07 -1.73
N PHE A 261 5.10 7.07 -0.78
CA PHE A 261 3.75 6.54 -1.04
C PHE A 261 2.97 7.44 -1.99
N GLU A 262 3.07 8.75 -1.83
CA GLU A 262 2.46 9.63 -2.79
C GLU A 262 3.05 9.40 -4.19
N LYS A 263 4.37 9.28 -4.24
CA LYS A 263 5.03 9.10 -5.51
C LYS A 263 4.56 7.82 -6.19
N LEU A 264 4.49 6.75 -5.40
CA LEU A 264 4.05 5.44 -5.88
C LEU A 264 2.65 5.59 -6.51
N LEU A 265 1.79 6.26 -5.79
CA LEU A 265 0.41 6.43 -6.20
C LEU A 265 0.28 7.35 -7.40
N GLU A 266 1.32 8.16 -7.67
CA GLU A 266 1.25 9.15 -8.74
C GLU A 266 2.07 8.79 -9.94
N ASN A 267 2.85 7.70 -9.85
CA ASN A 267 3.73 7.32 -10.94
C ASN A 267 2.86 7.13 -12.18
N GLY A 268 3.29 7.75 -13.26
CA GLY A 268 2.68 7.55 -14.56
C GLY A 268 1.76 8.70 -14.92
N ILE A 269 1.44 9.56 -13.97
CA ILE A 269 0.46 10.61 -14.20
C ILE A 269 1.13 11.92 -14.48
N THR A 270 0.69 12.58 -15.55
CA THR A 270 1.09 13.93 -15.86
C THR A 270 0.06 14.88 -15.33
N PHE A 271 0.47 15.74 -14.41
CA PHE A 271 -0.39 16.74 -13.83
C PHE A 271 -0.16 18.08 -14.57
N PRO A 272 -1.21 18.64 -15.20
CA PRO A 272 -1.09 19.96 -15.84
C PRO A 272 -0.60 21.01 -14.88
N LYS A 273 0.08 22.02 -15.41
CA LYS A 273 0.59 23.14 -14.59
C LYS A 273 -0.46 23.83 -13.74
N ASP A 274 -1.69 23.86 -14.24
CA ASP A 274 -2.78 24.49 -13.50
C ASP A 274 -3.70 23.45 -12.83
N ALA A 275 -3.21 22.23 -12.60
CA ALA A 275 -3.92 21.27 -11.74
C ALA A 275 -4.00 21.80 -10.32
N PRO A 276 -5.02 21.37 -9.55
CA PRO A 276 -5.03 21.74 -8.15
C PRO A 276 -3.80 21.21 -7.44
N SER A 277 -3.43 21.89 -6.38
CA SER A 277 -2.38 21.40 -5.52
C SER A 277 -2.88 20.11 -4.86
N PRO A 278 -1.94 19.30 -4.38
CA PRO A 278 -2.33 18.12 -3.60
C PRO A 278 -3.19 18.48 -2.42
N PHE A 279 -4.15 17.62 -2.13
CA PHE A 279 -5.05 17.80 -1.02
C PHE A 279 -4.46 17.05 0.18
N ILE A 280 -4.59 17.63 1.36
CA ILE A 280 -4.27 16.92 2.59
C ILE A 280 -5.54 16.82 3.41
N PHE A 281 -6.06 15.62 3.53
CA PHE A 281 -7.34 15.42 4.12
C PHE A 281 -7.23 15.36 5.61
N LYS A 282 -8.24 15.91 6.28
N LYS A 282 -8.25 15.90 6.28
CA LYS A 282 -8.35 15.84 7.73
CA LYS A 282 -8.36 15.82 7.74
C LYS A 282 -8.84 14.46 8.14
C LYS A 282 -8.84 14.44 8.13
N THR A 283 -8.33 13.93 9.26
CA THR A 283 -8.81 12.65 9.76
C THR A 283 -10.18 12.87 10.40
N LEU A 284 -10.92 11.80 10.60
CA LEU A 284 -12.20 11.90 11.32
C LEU A 284 -11.95 12.54 12.70
N GLU A 285 -10.91 12.08 13.37
CA GLU A 285 -10.52 12.60 14.66
C GLU A 285 -10.29 14.10 14.64
N GLU A 286 -9.59 14.61 13.62
CA GLU A 286 -9.33 16.02 13.52
C GLU A 286 -10.63 16.82 13.26
N GLN A 287 -11.60 16.17 12.64
CA GLN A 287 -12.88 16.81 12.36
C GLN A 287 -13.87 16.68 13.50
N GLY A 288 -13.54 15.91 14.52
CA GLY A 288 -14.50 15.60 15.60
C GLY A 288 -15.63 14.70 15.17
N LEU A 289 -15.39 13.89 14.15
CA LEU A 289 -16.36 12.95 13.64
C LEU A 289 -16.10 11.54 14.09
CHA HEM B . 0.91 -7.98 2.73
CHB HEM B . 4.66 -9.17 -0.26
CHC HEM B . 5.81 -4.48 -0.67
CHD HEM B . 1.76 -3.28 1.91
C1A HEM B . 1.84 -8.72 1.93
C2A HEM B . 1.76 -10.18 1.73
C3A HEM B . 2.86 -10.52 0.85
C4A HEM B . 3.53 -9.24 0.62
CMA HEM B . 3.27 -11.88 0.39
CAA HEM B . 0.75 -11.07 2.33
CBA HEM B . -0.46 -11.10 1.38
CGA HEM B . -1.50 -12.01 2.02
O1A HEM B . -1.14 -13.17 2.33
O2A HEM B . -2.66 -11.57 2.25
C1B HEM B . 5.36 -7.97 -0.59
C2B HEM B . 6.57 -8.02 -1.41
C3B HEM B . 6.87 -6.60 -1.50
C4B HEM B . 5.82 -5.93 -0.73
CMB HEM B . 7.28 -9.20 -1.98
CAB HEM B . 8.03 -5.94 -2.10
CBB HEM B . 9.17 -6.55 -2.25
C1C HEM B . 4.76 -3.69 -0.06
C2C HEM B . 4.63 -2.22 -0.22
C3C HEM B . 3.43 -1.86 0.51
C4C HEM B . 2.88 -3.11 1.04
CMC HEM B . 5.58 -1.36 -1.00
CAC HEM B . 2.82 -0.54 0.75
CBC HEM B . 3.48 0.59 0.78
C1D HEM B . 1.26 -4.54 2.42
C2D HEM B . 0.11 -4.49 3.34
C3D HEM B . -0.16 -5.88 3.59
C4D HEM B . 0.87 -6.54 2.80
CMD HEM B . -0.56 -3.27 3.91
CAD HEM B . -1.21 -6.45 4.51
CBD HEM B . -2.52 -6.64 3.83
CGD HEM B . -3.48 -7.39 4.74
O1D HEM B . -4.53 -7.81 4.23
O2D HEM B . -3.21 -7.50 5.91
NA HEM B . 2.79 -8.12 1.11
NB HEM B . 4.88 -6.76 -0.25
NC HEM B . 3.64 -4.24 0.64
ND HEM B . 1.65 -5.75 2.05
FE HEM B . 3.33 -6.20 0.97
CAC 1LY C . 3.55 -8.48 5.28
CAC 1LY C . 3.26 -8.17 5.58
CAD 1LY C . 4.87 -8.74 5.63
CAD 1LY C . 2.44 -7.90 6.68
CAI 1LY C . 5.28 -8.59 6.89
CAI 1LY C . 2.84 -8.20 7.92
NAG 1LY C . 6.45 -8.76 7.49
NAG 1LY C . 2.28 -8.05 9.12
CAB 1LY C . 6.31 -8.47 8.78
CAB 1LY C . 3.14 -8.51 10.03
CAE 1LY C . 5.05 -8.11 8.99
CAE 1LY C . 4.22 -8.94 9.40
NAJ 1LY C . 4.42 -8.19 7.82
NAJ 1LY C . 4.02 -8.74 8.09
CAF 1LY C . 3.08 -7.93 7.57
CAF 1LY C . 4.91 -9.04 7.07
CAH 1LY C . 2.66 -8.05 6.26
CAH 1LY C . 4.51 -8.75 5.79
NAA 1LY C . 1.38 -7.78 5.98
NAA 1LY C . 5.31 -9.01 4.78
#